data_6O35
#
_entry.id   6O35
#
_cell.length_a   59.440
_cell.length_b   103.684
_cell.length_c   72.980
_cell.angle_alpha   90.00
_cell.angle_beta   90.00
_cell.angle_gamma   90.00
#
_symmetry.space_group_name_H-M   'P 21 21 2'
#
loop_
_entity.id
_entity.type
_entity.pdbx_description
1 polymer 'de novo designed WSHC8'
2 water water
#
_entity_poly.entity_id   1
_entity_poly.type   'polypeptide(L)'
_entity_poly.pdbx_seq_one_letter_code
;GSSAEELLRRSREYLKKVKEEQERKAKEFQELLKELSERSEELIRELEEKGAASEAELARMKQQHMTAYLEAQLTAWEIE
SKSKIALLELQQNQLNLELRHI
;
_entity_poly.pdbx_strand_id   A,B,C,D
#
# COMPACT_ATOMS: atom_id res chain seq x y z
N SER A 2 39.78 -4.89 23.25
CA SER A 2 39.37 -5.75 24.40
C SER A 2 38.11 -5.16 25.05
N SER A 3 38.21 -3.93 25.54
CA SER A 3 37.02 -3.22 26.00
C SER A 3 36.09 -2.91 24.83
N ALA A 4 36.67 -2.61 23.67
CA ALA A 4 35.87 -2.49 22.46
C ALA A 4 35.10 -3.78 22.19
N GLU A 5 35.78 -4.92 22.29
CA GLU A 5 35.10 -6.20 22.10
C GLU A 5 34.00 -6.40 23.14
N GLU A 6 34.26 -6.01 24.39
CA GLU A 6 33.26 -6.15 25.44
C GLU A 6 32.06 -5.25 25.16
N LEU A 7 32.31 -3.99 24.82
CA LEU A 7 31.21 -3.07 24.53
C LEU A 7 30.42 -3.54 23.31
N LEU A 8 31.10 -4.09 22.31
CA LEU A 8 30.42 -4.50 21.09
C LEU A 8 29.69 -5.83 21.27
N ARG A 9 30.29 -6.76 22.01
CA ARG A 9 29.59 -8.00 22.34
C ARG A 9 28.34 -7.71 23.16
N ARG A 10 28.45 -6.80 24.14
CA ARG A 10 27.28 -6.36 24.90
C ARG A 10 26.23 -5.79 23.96
N SER A 11 26.64 -4.91 23.05
CA SER A 11 25.72 -4.39 22.04
C SER A 11 25.03 -5.52 21.29
N ARG A 12 25.80 -6.53 20.87
CA ARG A 12 25.23 -7.65 20.14
C ARG A 12 24.14 -8.33 20.94
N GLU A 13 24.32 -8.45 22.26
CA GLU A 13 23.36 -9.16 23.10
C GLU A 13 22.11 -8.33 23.33
N TYR A 14 22.26 -7.05 23.70
CA TYR A 14 21.11 -6.18 23.90
C TYR A 14 20.25 -6.10 22.64
N LEU A 15 20.88 -6.18 21.47
CA LEU A 15 20.14 -6.17 20.22
C LEU A 15 19.49 -7.51 19.92
N LYS A 16 20.09 -8.61 20.38
CA LYS A 16 19.43 -9.91 20.28
C LYS A 16 18.22 -9.98 21.19
N LYS A 17 18.26 -9.29 22.33
CA LYS A 17 17.12 -9.27 23.24
C LYS A 17 15.96 -8.47 22.66
N VAL A 18 16.27 -7.33 22.03
CA VAL A 18 15.22 -6.51 21.43
C VAL A 18 14.52 -7.27 20.32
N LYS A 19 15.28 -8.02 19.52
CA LYS A 19 14.69 -8.79 18.44
C LYS A 19 13.75 -9.86 18.97
N GLU A 20 14.21 -10.65 19.95
CA GLU A 20 13.36 -11.66 20.55
C GLU A 20 12.13 -11.04 21.20
N GLU A 21 12.28 -9.84 21.76
CA GLU A 21 11.14 -9.17 22.38
C GLU A 21 10.04 -8.89 21.35
N GLN A 22 10.43 -8.55 20.12
CA GLN A 22 9.45 -8.23 19.09
C GLN A 22 8.80 -9.49 18.52
N GLU A 23 9.55 -10.58 18.40
CA GLU A 23 8.93 -11.85 18.06
C GLU A 23 7.91 -12.25 19.12
N ARG A 24 8.21 -11.95 20.39
CA ARG A 24 7.27 -12.23 21.47
C ARG A 24 6.01 -11.39 21.34
N LYS A 25 6.17 -10.09 21.12
CA LYS A 25 5.00 -9.22 20.96
C LYS A 25 4.15 -9.65 19.78
N ALA A 26 4.78 -10.05 18.68
CA ALA A 26 4.04 -10.45 17.49
C ALA A 26 3.15 -11.65 17.79
N LYS A 27 3.71 -12.67 18.45
CA LYS A 27 2.92 -13.85 18.81
C LYS A 27 1.79 -13.47 19.74
N GLU A 28 2.09 -12.70 20.79
CA GLU A 28 1.07 -12.31 21.76
C GLU A 28 -0.12 -11.67 21.07
N PHE A 29 0.13 -10.79 20.09
CA PHE A 29 -0.98 -10.17 19.37
C PHE A 29 -1.81 -11.22 18.64
N GLN A 30 -1.15 -12.14 17.94
CA GLN A 30 -1.87 -13.18 17.23
C GLN A 30 -2.74 -13.99 18.17
N GLU A 31 -2.20 -14.37 19.33
CA GLU A 31 -3.03 -15.01 20.35
C GLU A 31 -4.13 -14.09 20.82
N LEU A 32 -3.82 -12.80 21.00
CA LEU A 32 -4.83 -11.83 21.42
C LEU A 32 -5.93 -11.71 20.38
N LEU A 33 -5.56 -11.48 19.11
CA LEU A 33 -6.55 -11.38 18.05
C LEU A 33 -7.36 -12.65 17.92
N LYS A 34 -6.72 -13.82 18.07
CA LYS A 34 -7.43 -15.08 17.95
C LYS A 34 -8.51 -15.21 19.03
N GLU A 35 -8.16 -14.87 20.27
CA GLU A 35 -9.14 -14.96 21.36
C GLU A 35 -10.32 -14.03 21.11
N LEU A 36 -10.04 -12.74 20.89
CA LEU A 36 -11.13 -11.78 20.68
C LEU A 36 -11.90 -12.10 19.40
N SER A 37 -11.18 -12.45 18.33
CA SER A 37 -11.85 -12.78 17.08
C SER A 37 -12.76 -13.99 17.24
N GLU A 38 -12.45 -14.88 18.18
CA GLU A 38 -13.30 -16.05 18.40
C GLU A 38 -14.48 -15.73 19.29
N ARG A 39 -14.38 -14.71 20.15
CA ARG A 39 -15.55 -14.22 20.84
C ARG A 39 -16.56 -13.65 19.86
N SER A 40 -16.08 -12.83 18.92
CA SER A 40 -16.96 -12.22 17.92
C SER A 40 -17.77 -13.29 17.19
N GLU A 41 -17.11 -14.33 16.71
CA GLU A 41 -17.82 -15.44 16.08
C GLU A 41 -18.79 -16.10 17.05
N GLU A 42 -18.46 -16.10 18.35
CA GLU A 42 -19.35 -16.68 19.34
C GLU A 42 -20.59 -15.81 19.55
N LEU A 43 -20.39 -14.51 19.76
CA LEU A 43 -21.52 -13.60 19.87
C LEU A 43 -22.41 -13.67 18.64
N ILE A 44 -21.79 -13.82 17.45
CA ILE A 44 -22.56 -13.82 16.22
C ILE A 44 -23.30 -15.14 16.04
N ARG A 45 -22.64 -16.26 16.34
CA ARG A 45 -23.32 -17.55 16.26
C ARG A 45 -24.54 -17.58 17.18
N GLU A 46 -24.44 -16.96 18.35
CA GLU A 46 -25.59 -16.88 19.26
C GLU A 46 -26.73 -16.09 18.63
N LEU A 47 -26.40 -15.02 17.90
CA LEU A 47 -27.44 -14.25 17.23
C LEU A 47 -28.13 -15.08 16.15
N GLU A 48 -27.33 -15.67 15.24
CA GLU A 48 -27.89 -16.50 14.19
C GLU A 48 -28.76 -17.62 14.78
N GLU A 49 -28.28 -18.24 15.87
CA GLU A 49 -29.07 -19.28 16.53
C GLU A 49 -30.41 -18.72 17.02
N LYS A 50 -30.35 -17.66 17.82
CA LYS A 50 -31.56 -17.07 18.40
C LYS A 50 -32.37 -16.29 17.38
N GLY A 51 -31.86 -16.11 16.16
CA GLY A 51 -32.56 -15.30 15.17
C GLY A 51 -32.83 -13.91 15.67
N ALA A 52 -31.98 -13.39 16.54
CA ALA A 52 -32.17 -12.08 17.16
C ALA A 52 -31.68 -10.94 16.28
N ALA A 53 -31.29 -11.22 15.03
CA ALA A 53 -30.91 -10.18 14.08
C ALA A 53 -31.45 -10.57 12.72
N SER A 54 -31.90 -9.57 11.95
CA SER A 54 -32.42 -9.84 10.62
C SER A 54 -31.35 -10.50 9.75
N GLU A 55 -31.79 -11.10 8.64
CA GLU A 55 -30.86 -11.74 7.73
C GLU A 55 -29.80 -10.76 7.24
N ALA A 56 -30.19 -9.50 7.03
CA ALA A 56 -29.23 -8.49 6.59
C ALA A 56 -28.36 -8.00 7.74
N GLU A 57 -28.95 -7.82 8.92
CA GLU A 57 -28.17 -7.39 10.08
C GLU A 57 -27.03 -8.35 10.36
N LEU A 58 -27.32 -9.66 10.35
CA LEU A 58 -26.27 -10.65 10.57
C LEU A 58 -25.22 -10.59 9.48
N ALA A 59 -25.64 -10.41 8.23
CA ALA A 59 -24.68 -10.29 7.13
C ALA A 59 -23.83 -9.04 7.29
N ARG A 60 -24.43 -7.93 7.71
CA ARG A 60 -23.67 -6.73 7.98
C ARG A 60 -22.72 -6.93 9.16
N MET A 61 -23.15 -7.69 10.16
CA MET A 61 -22.30 -7.95 11.32
C MET A 61 -21.15 -8.87 10.94
N LYS A 62 -21.43 -9.91 10.15
CA LYS A 62 -20.38 -10.85 9.76
C LYS A 62 -19.33 -10.18 8.88
N GLN A 63 -19.75 -9.37 7.92
CA GLN A 63 -18.80 -8.65 7.08
C GLN A 63 -18.08 -7.56 7.87
N GLN A 64 -18.73 -7.00 8.90
CA GLN A 64 -18.05 -6.10 9.80
C GLN A 64 -16.91 -6.80 10.52
N HIS A 65 -17.16 -8.04 10.98
CA HIS A 65 -16.15 -8.80 11.70
C HIS A 65 -14.96 -9.12 10.82
N MET A 66 -15.22 -9.61 9.60
CA MET A 66 -14.13 -9.92 8.69
C MET A 66 -13.36 -8.66 8.29
N THR A 67 -14.07 -7.55 8.10
CA THR A 67 -13.42 -6.30 7.72
C THR A 67 -12.49 -5.82 8.83
N ALA A 68 -12.93 -5.90 10.09
CA ALA A 68 -12.07 -5.51 11.19
C ALA A 68 -10.91 -6.49 11.35
N TYR A 69 -11.16 -7.78 11.13
CA TYR A 69 -10.10 -8.77 11.23
C TYR A 69 -9.02 -8.53 10.18
N LEU A 70 -9.42 -8.21 8.95
CA LEU A 70 -8.46 -7.92 7.90
C LEU A 70 -7.62 -6.70 8.25
N GLU A 71 -8.24 -5.69 8.87
CA GLU A 71 -7.50 -4.50 9.26
C GLU A 71 -6.49 -4.82 10.36
N ALA A 72 -6.88 -5.64 11.34
CA ALA A 72 -5.97 -6.00 12.42
C ALA A 72 -4.73 -6.70 11.88
N GLN A 73 -4.91 -7.63 10.94
CA GLN A 73 -3.77 -8.35 10.38
C GLN A 73 -2.85 -7.40 9.62
N LEU A 74 -3.42 -6.57 8.74
CA LEU A 74 -2.62 -5.62 7.99
C LEU A 74 -1.85 -4.69 8.93
N THR A 75 -2.55 -4.16 9.95
CA THR A 75 -1.89 -3.25 10.88
C THR A 75 -0.77 -3.96 11.65
N ALA A 76 -1.03 -5.18 12.11
CA ALA A 76 0.01 -5.94 12.78
C ALA A 76 1.14 -6.29 11.81
N TRP A 77 0.78 -6.65 10.58
CA TRP A 77 1.79 -6.90 9.55
C TRP A 77 2.62 -5.65 9.30
N GLU A 78 1.98 -4.48 9.28
CA GLU A 78 2.71 -3.24 9.06
C GLU A 78 3.71 -2.98 10.17
N ILE A 79 3.30 -3.20 11.43
CA ILE A 79 4.18 -2.92 12.55
C ILE A 79 5.36 -3.88 12.57
N GLU A 80 5.07 -5.19 12.57
CA GLU A 80 6.15 -6.17 12.64
C GLU A 80 7.13 -6.01 11.48
N SER A 81 6.62 -5.73 10.28
CA SER A 81 7.49 -5.54 9.13
C SER A 81 8.37 -4.32 9.31
N LYS A 82 7.78 -3.20 9.71
CA LYS A 82 8.57 -2.00 9.98
C LYS A 82 9.61 -2.26 11.07
N SER A 83 9.21 -2.98 12.12
CA SER A 83 10.14 -3.27 13.22
C SER A 83 11.29 -4.13 12.75
N LYS A 84 10.98 -5.22 12.04
CA LYS A 84 12.03 -6.15 11.62
C LYS A 84 13.03 -5.47 10.71
N ILE A 85 12.56 -4.63 9.78
CA ILE A 85 13.45 -3.95 8.86
C ILE A 85 14.31 -2.94 9.60
N ALA A 86 13.71 -2.17 10.51
CA ALA A 86 14.48 -1.16 11.23
C ALA A 86 15.55 -1.80 12.10
N LEU A 87 15.19 -2.85 12.85
CA LEU A 87 16.19 -3.58 13.62
C LEU A 87 17.26 -4.17 12.71
N LEU A 88 16.86 -4.65 11.53
CA LEU A 88 17.81 -5.21 10.60
C LEU A 88 18.92 -4.21 10.26
N GLU A 89 18.56 -2.95 10.02
CA GLU A 89 19.56 -1.94 9.70
C GLU A 89 20.50 -1.71 10.87
N LEU A 90 19.98 -1.75 12.11
CA LEU A 90 20.83 -1.56 13.27
C LEU A 90 21.80 -2.71 13.43
N GLN A 91 21.37 -3.93 13.11
CA GLN A 91 22.29 -5.07 13.09
C GLN A 91 23.38 -4.85 12.04
N GLN A 92 23.06 -4.17 10.94
CA GLN A 92 24.09 -3.87 9.94
C GLN A 92 25.10 -2.87 10.48
N ASN A 93 24.64 -1.81 11.16
CA ASN A 93 25.55 -0.89 11.81
C ASN A 93 26.43 -1.62 12.82
N GLN A 94 25.80 -2.42 13.69
CA GLN A 94 26.56 -3.23 14.63
C GLN A 94 27.60 -4.08 13.92
N LEU A 95 27.24 -4.68 12.78
CA LEU A 95 28.20 -5.48 12.03
C LEU A 95 29.29 -4.61 11.44
N ASN A 96 28.96 -3.39 11.02
CA ASN A 96 29.96 -2.48 10.49
C ASN A 96 30.97 -2.09 11.57
N LEU A 97 30.49 -1.78 12.78
CA LEU A 97 31.40 -1.47 13.88
C LEU A 97 32.31 -2.65 14.19
N GLU A 98 31.74 -3.86 14.22
CA GLU A 98 32.52 -5.04 14.56
C GLU A 98 33.70 -5.23 13.62
N LEU A 99 33.47 -5.08 12.31
CA LEU A 99 34.58 -5.17 11.37
C LEU A 99 35.61 -4.08 11.61
N ARG A 100 35.16 -2.91 12.08
CA ARG A 100 36.06 -1.77 12.28
C ARG A 100 36.64 -1.77 13.69
N HIS A 101 35.81 -1.46 14.69
CA HIS A 101 36.30 -1.25 16.05
C HIS A 101 37.07 -2.46 16.56
N ILE A 102 36.62 -3.67 16.23
CA ILE A 102 37.30 -4.87 16.69
C ILE A 102 37.02 -6.03 15.74
N SER B 2 38.37 -13.84 6.11
CA SER B 2 37.91 -15.16 6.61
C SER B 2 36.86 -14.96 7.71
N SER B 3 37.32 -14.52 8.89
CA SER B 3 36.39 -14.21 9.98
C SER B 3 35.39 -13.15 9.53
N ALA B 4 35.85 -12.16 8.76
CA ALA B 4 34.93 -11.19 8.17
C ALA B 4 34.09 -11.84 7.07
N GLU B 5 34.66 -12.80 6.35
CA GLU B 5 33.88 -13.54 5.35
C GLU B 5 32.73 -14.29 6.00
N GLU B 6 32.96 -14.81 7.21
CA GLU B 6 31.89 -15.49 7.92
C GLU B 6 30.74 -14.55 8.24
N LEU B 7 31.05 -13.43 8.90
CA LEU B 7 30.01 -12.50 9.33
C LEU B 7 29.19 -11.99 8.15
N LEU B 8 29.88 -11.54 7.10
CA LEU B 8 29.18 -10.99 5.94
C LEU B 8 28.37 -12.06 5.21
N ARG B 9 28.87 -13.29 5.18
CA ARG B 9 28.08 -14.39 4.61
C ARG B 9 26.87 -14.69 5.49
N ARG B 10 27.06 -14.64 6.81
CA ARG B 10 25.93 -14.83 7.72
C ARG B 10 24.87 -13.76 7.52
N SER B 11 25.30 -12.51 7.34
CA SER B 11 24.34 -11.43 7.12
C SER B 11 23.59 -11.62 5.82
N ARG B 12 24.29 -12.03 4.76
CA ARG B 12 23.61 -12.26 3.48
C ARG B 12 22.51 -13.31 3.61
N GLU B 13 22.80 -14.40 4.32
CA GLU B 13 21.82 -15.48 4.47
C GLU B 13 20.65 -15.03 5.34
N TYR B 14 20.92 -14.20 6.36
CA TYR B 14 19.85 -13.71 7.21
C TYR B 14 18.95 -12.74 6.43
N LEU B 15 19.55 -11.83 5.66
CA LEU B 15 18.76 -11.01 4.75
C LEU B 15 17.93 -11.88 3.83
N LYS B 16 18.50 -12.98 3.34
CA LYS B 16 17.76 -13.91 2.49
C LYS B 16 16.53 -14.45 3.21
N LYS B 17 16.67 -14.77 4.50
CA LYS B 17 15.51 -15.26 5.26
C LYS B 17 14.46 -14.17 5.41
N VAL B 18 14.88 -12.94 5.69
CA VAL B 18 13.93 -11.85 5.84
C VAL B 18 13.14 -11.63 4.56
N LYS B 19 13.82 -11.66 3.41
CA LYS B 19 13.13 -11.50 2.14
C LYS B 19 12.07 -12.58 1.94
N GLU B 20 12.37 -13.81 2.36
CA GLU B 20 11.43 -14.90 2.16
C GLU B 20 10.25 -14.82 3.11
N GLU B 21 10.49 -14.45 4.37
CA GLU B 21 9.40 -14.30 5.32
C GLU B 21 8.41 -13.24 4.85
N GLN B 22 8.90 -12.19 4.19
CA GLN B 22 8.01 -11.14 3.69
C GLN B 22 7.21 -11.63 2.49
N GLU B 23 7.82 -12.46 1.63
CA GLU B 23 7.07 -13.07 0.55
C GLU B 23 5.96 -13.97 1.10
N ARG B 24 6.25 -14.70 2.18
CA ARG B 24 5.22 -15.49 2.84
C ARG B 24 4.05 -14.61 3.25
N LYS B 25 4.32 -13.58 4.06
CA LYS B 25 3.25 -12.73 4.57
C LYS B 25 2.43 -12.15 3.43
N ALA B 26 3.08 -11.78 2.32
CA ALA B 26 2.34 -11.27 1.18
C ALA B 26 1.38 -12.32 0.62
N LYS B 27 1.88 -13.53 0.39
CA LYS B 27 1.04 -14.60 -0.13
C LYS B 27 -0.05 -14.98 0.87
N GLU B 28 0.33 -15.15 2.14
CA GLU B 28 -0.65 -15.49 3.17
C GLU B 28 -1.80 -14.50 3.18
N PHE B 29 -1.50 -13.21 3.01
CA PHE B 29 -2.55 -12.20 3.01
C PHE B 29 -3.49 -12.39 1.83
N GLN B 30 -2.92 -12.60 0.63
CA GLN B 30 -3.75 -12.84 -0.54
C GLN B 30 -4.66 -14.04 -0.33
N GLU B 31 -4.15 -15.07 0.35
CA GLU B 31 -4.99 -16.23 0.65
C GLU B 31 -6.08 -15.88 1.65
N LEU B 32 -5.73 -15.12 2.69
CA LEU B 32 -6.73 -14.68 3.66
C LEU B 32 -7.77 -13.78 3.01
N LEU B 33 -7.31 -12.77 2.27
CA LEU B 33 -8.23 -11.87 1.59
C LEU B 33 -9.11 -12.62 0.59
N LYS B 34 -8.57 -13.67 -0.03
CA LYS B 34 -9.37 -14.46 -0.97
C LYS B 34 -10.49 -15.19 -0.25
N GLU B 35 -10.16 -15.90 0.83
CA GLU B 35 -11.16 -16.63 1.59
C GLU B 35 -12.26 -15.69 2.08
N LEU B 36 -11.89 -14.72 2.92
CA LEU B 36 -12.88 -13.82 3.49
C LEU B 36 -13.70 -13.13 2.39
N SER B 37 -13.02 -12.63 1.36
CA SER B 37 -13.74 -12.02 0.25
C SER B 37 -14.71 -13.02 -0.39
N GLU B 38 -14.31 -14.29 -0.50
CA GLU B 38 -15.19 -15.30 -1.07
C GLU B 38 -16.34 -15.64 -0.14
N ARG B 39 -16.16 -15.48 1.17
CA ARG B 39 -17.30 -15.59 2.08
C ARG B 39 -18.25 -14.43 1.88
N SER B 40 -17.72 -13.20 1.85
CA SER B 40 -18.56 -12.02 1.71
C SER B 40 -19.42 -12.10 0.45
N GLU B 41 -18.84 -12.53 -0.67
CA GLU B 41 -19.63 -12.70 -1.88
C GLU B 41 -20.70 -13.77 -1.69
N GLU B 42 -20.39 -14.82 -0.93
CA GLU B 42 -21.37 -15.87 -0.68
C GLU B 42 -22.53 -15.35 0.15
N LEU B 43 -22.24 -14.56 1.19
CA LEU B 43 -23.30 -13.98 1.99
C LEU B 43 -24.24 -13.14 1.13
N ILE B 44 -23.68 -12.22 0.35
CA ILE B 44 -24.51 -11.38 -0.51
C ILE B 44 -25.29 -12.21 -1.51
N ARG B 45 -24.71 -13.34 -1.96
CA ARG B 45 -25.46 -14.26 -2.81
C ARG B 45 -26.67 -14.81 -2.06
N GLU B 46 -26.44 -15.31 -0.84
CA GLU B 46 -27.54 -15.81 -0.01
C GLU B 46 -28.64 -14.76 0.13
N LEU B 47 -28.26 -13.52 0.46
CA LEU B 47 -29.25 -12.47 0.61
C LEU B 47 -30.03 -12.25 -0.68
N GLU B 48 -29.34 -12.29 -1.83
CA GLU B 48 -30.00 -12.08 -3.11
C GLU B 48 -31.05 -13.16 -3.37
N GLU B 49 -30.67 -14.43 -3.16
CA GLU B 49 -31.60 -15.52 -3.45
C GLU B 49 -32.79 -15.49 -2.50
N LYS B 50 -32.54 -15.12 -1.23
CA LYS B 50 -33.64 -14.98 -0.28
C LYS B 50 -34.49 -13.74 -0.55
N GLY B 51 -33.92 -12.73 -1.20
CA GLY B 51 -34.55 -11.44 -1.22
C GLY B 51 -34.76 -10.93 0.19
N ALA B 52 -33.74 -11.05 1.03
CA ALA B 52 -33.81 -10.63 2.42
C ALA B 52 -33.34 -9.20 2.62
N ALA B 53 -32.84 -8.55 1.58
CA ALA B 53 -32.41 -7.15 1.63
C ALA B 53 -32.96 -6.42 0.41
N SER B 54 -33.30 -5.14 0.60
CA SER B 54 -33.81 -4.32 -0.48
C SER B 54 -32.84 -4.32 -1.65
N GLU B 55 -33.37 -4.08 -2.85
CA GLU B 55 -32.50 -4.00 -4.04
C GLU B 55 -31.43 -2.93 -3.86
N ALA B 56 -31.83 -1.76 -3.34
CA ALA B 56 -30.85 -0.69 -3.10
C ALA B 56 -29.87 -1.07 -2.01
N GLU B 57 -30.34 -1.76 -0.97
CA GLU B 57 -29.46 -2.14 0.13
C GLU B 57 -28.35 -3.07 -0.36
N LEU B 58 -28.68 -4.05 -1.19
CA LEU B 58 -27.65 -4.95 -1.71
C LEU B 58 -26.71 -4.22 -2.66
N ALA B 59 -27.19 -3.16 -3.32
CA ALA B 59 -26.28 -2.30 -4.07
C ALA B 59 -25.29 -1.62 -3.12
N ARG B 60 -25.77 -1.16 -1.97
CA ARG B 60 -24.90 -0.56 -0.98
C ARG B 60 -23.96 -1.59 -0.38
N MET B 61 -24.46 -2.80 -0.11
CA MET B 61 -23.61 -3.82 0.50
C MET B 61 -22.54 -4.30 -0.48
N LYS B 62 -22.91 -4.55 -1.73
CA LYS B 62 -21.94 -4.98 -2.73
C LYS B 62 -20.85 -3.93 -2.92
N GLN B 63 -21.25 -2.65 -3.03
CA GLN B 63 -20.27 -1.60 -3.24
C GLN B 63 -19.37 -1.42 -2.03
N GLN B 64 -19.91 -1.59 -0.82
CA GLN B 64 -19.07 -1.59 0.36
C GLN B 64 -18.11 -2.77 0.35
N HIS B 65 -18.57 -3.94 -0.10
CA HIS B 65 -17.71 -5.10 -0.20
C HIS B 65 -16.54 -4.84 -1.14
N MET B 66 -16.82 -4.30 -2.32
CA MET B 66 -15.77 -4.02 -3.29
C MET B 66 -14.85 -2.90 -2.81
N THR B 67 -15.40 -1.93 -2.06
CA THR B 67 -14.57 -0.85 -1.55
C THR B 67 -13.58 -1.34 -0.50
N ALA B 68 -14.02 -2.24 0.39
CA ALA B 68 -13.12 -2.77 1.40
C ALA B 68 -12.05 -3.67 0.78
N TYR B 69 -12.46 -4.52 -0.18
CA TYR B 69 -11.48 -5.33 -0.89
C TYR B 69 -10.43 -4.46 -1.56
N LEU B 70 -10.85 -3.34 -2.16
CA LEU B 70 -9.91 -2.45 -2.82
C LEU B 70 -9.04 -1.74 -1.81
N GLU B 71 -9.61 -1.29 -0.70
CA GLU B 71 -8.81 -0.69 0.36
C GLU B 71 -7.80 -1.70 0.91
N ALA B 72 -8.22 -2.95 1.09
CA ALA B 72 -7.31 -3.97 1.61
C ALA B 72 -6.15 -4.20 0.65
N GLN B 73 -6.44 -4.35 -0.65
CA GLN B 73 -5.38 -4.56 -1.62
C GLN B 73 -4.39 -3.40 -1.64
N LEU B 74 -4.90 -2.17 -1.60
CA LEU B 74 -4.02 -1.01 -1.57
C LEU B 74 -3.12 -1.02 -0.35
N THR B 75 -3.65 -1.41 0.80
CA THR B 75 -2.85 -1.44 2.02
C THR B 75 -1.77 -2.49 1.95
N ALA B 76 -2.13 -3.72 1.56
CA ALA B 76 -1.12 -4.76 1.39
C ALA B 76 -0.11 -4.38 0.33
N TRP B 77 -0.56 -3.69 -0.72
CA TRP B 77 0.35 -3.18 -1.74
C TRP B 77 1.30 -2.15 -1.15
N GLU B 78 0.80 -1.30 -0.24
CA GLU B 78 1.66 -0.30 0.39
C GLU B 78 2.68 -0.96 1.31
N ILE B 79 2.26 -2.00 2.05
CA ILE B 79 3.17 -2.65 2.97
C ILE B 79 4.29 -3.37 2.21
N GLU B 80 3.92 -4.23 1.25
CA GLU B 80 4.91 -5.01 0.54
C GLU B 80 5.82 -4.12 -0.31
N SER B 81 5.26 -3.09 -0.94
CA SER B 81 6.07 -2.15 -1.70
C SER B 81 7.10 -1.47 -0.80
N LYS B 82 6.69 -1.09 0.41
CA LYS B 82 7.62 -0.47 1.35
C LYS B 82 8.66 -1.47 1.84
N SER B 83 8.23 -2.70 2.16
CA SER B 83 9.16 -3.71 2.64
C SER B 83 10.21 -4.04 1.59
N LYS B 84 9.77 -4.40 0.39
CA LYS B 84 10.70 -4.82 -0.66
C LYS B 84 11.75 -3.74 -0.92
N ILE B 85 11.37 -2.47 -0.84
CA ILE B 85 12.29 -1.39 -1.19
C ILE B 85 13.26 -1.10 -0.04
N ALA B 86 12.82 -1.24 1.20
CA ALA B 86 13.73 -1.05 2.32
C ALA B 86 14.80 -2.15 2.33
N LEU B 87 14.38 -3.41 2.29
CA LEU B 87 15.33 -4.51 2.18
C LEU B 87 16.27 -4.31 1.00
N LEU B 88 15.74 -3.84 -0.12
CA LEU B 88 16.58 -3.54 -1.27
C LEU B 88 17.69 -2.56 -0.88
N GLU B 89 17.35 -1.54 -0.09
CA GLU B 89 18.38 -0.63 0.41
C GLU B 89 19.31 -1.34 1.37
N LEU B 90 18.77 -2.18 2.26
CA LEU B 90 19.61 -2.93 3.18
C LEU B 90 20.53 -3.88 2.41
N GLN B 91 20.01 -4.52 1.37
CA GLN B 91 20.84 -5.38 0.54
C GLN B 91 21.97 -4.58 -0.12
N GLN B 92 21.73 -3.32 -0.43
CA GLN B 92 22.78 -2.48 -1.02
C GLN B 92 23.87 -2.17 0.01
N ASN B 93 23.47 -1.87 1.24
CA ASN B 93 24.46 -1.70 2.31
C ASN B 93 25.30 -2.96 2.46
N GLN B 94 24.65 -4.12 2.49
CA GLN B 94 25.38 -5.39 2.54
C GLN B 94 26.36 -5.49 1.38
N LEU B 95 25.87 -5.30 0.15
CA LEU B 95 26.74 -5.38 -1.03
C LEU B 95 27.92 -4.43 -0.91
N ASN B 96 27.67 -3.19 -0.48
CA ASN B 96 28.77 -2.24 -0.31
C ASN B 96 29.81 -2.77 0.66
N LEU B 97 29.38 -3.42 1.73
CA LEU B 97 30.33 -4.00 2.68
C LEU B 97 31.13 -5.12 2.01
N GLU B 98 30.45 -6.01 1.28
CA GLU B 98 31.15 -7.08 0.58
C GLU B 98 32.21 -6.50 -0.35
N LEU B 99 31.83 -5.52 -1.17
CA LEU B 99 32.82 -4.82 -1.99
C LEU B 99 33.91 -4.22 -1.12
N ARG B 100 33.52 -3.56 -0.02
CA ARG B 100 34.50 -2.94 0.86
C ARG B 100 35.57 -3.93 1.29
N HIS B 101 35.19 -5.19 1.51
CA HIS B 101 36.13 -6.23 1.87
C HIS B 101 36.60 -6.99 0.63
N SER C 2 36.06 -7.52 -11.82
CA SER C 2 35.62 -8.82 -12.40
C SER C 2 34.55 -9.46 -11.51
N SER C 3 35.00 -9.99 -10.36
CA SER C 3 34.05 -10.49 -9.37
C SER C 3 33.14 -9.36 -8.88
N ALA C 4 33.71 -8.17 -8.68
CA ALA C 4 32.89 -7.01 -8.33
C ALA C 4 31.95 -6.64 -9.46
N GLU C 5 32.45 -6.68 -10.71
CA GLU C 5 31.60 -6.41 -11.85
C GLU C 5 30.44 -7.41 -11.93
N GLU C 6 30.66 -8.64 -11.46
CA GLU C 6 29.60 -9.65 -11.49
C GLU C 6 28.55 -9.38 -10.43
N LEU C 7 28.97 -9.03 -9.21
CA LEU C 7 28.02 -8.73 -8.15
C LEU C 7 27.20 -7.48 -8.48
N LEU C 8 27.88 -6.41 -8.89
CA LEU C 8 27.17 -5.20 -9.29
C LEU C 8 26.21 -5.49 -10.45
N ARG C 9 26.63 -6.34 -11.38
CA ARG C 9 25.74 -6.77 -12.44
C ARG C 9 24.48 -7.42 -11.86
N ARG C 10 24.67 -8.39 -10.98
CA ARG C 10 23.53 -9.08 -10.38
C ARG C 10 22.64 -8.13 -9.61
N SER C 11 23.24 -7.13 -8.96
CA SER C 11 22.45 -6.16 -8.20
C SER C 11 21.66 -5.25 -9.13
N ARG C 12 22.27 -4.83 -10.24
CA ARG C 12 21.57 -3.96 -11.17
C ARG C 12 20.38 -4.65 -11.80
N GLU C 13 20.58 -5.89 -12.28
CA GLU C 13 19.49 -6.61 -12.91
C GLU C 13 18.43 -7.04 -11.90
N TYR C 14 18.84 -7.31 -10.65
CA TYR C 14 17.85 -7.55 -9.60
C TYR C 14 17.05 -6.29 -9.32
N LEU C 15 17.69 -5.12 -9.41
CA LEU C 15 16.98 -3.86 -9.22
C LEU C 15 15.95 -3.64 -10.32
N LYS C 16 16.24 -4.07 -11.55
CA LYS C 16 15.32 -3.86 -12.66
C LYS C 16 14.10 -4.75 -12.53
N LYS C 17 14.28 -5.99 -12.06
CA LYS C 17 13.14 -6.86 -11.84
C LYS C 17 12.17 -6.27 -10.83
N VAL C 18 12.71 -5.63 -9.79
CA VAL C 18 11.85 -4.96 -8.81
C VAL C 18 11.13 -3.78 -9.45
N LYS C 19 11.84 -2.99 -10.24
CA LYS C 19 11.21 -1.88 -10.94
C LYS C 19 10.08 -2.36 -11.84
N GLU C 20 10.34 -3.37 -12.65
CA GLU C 20 9.29 -3.94 -13.49
C GLU C 20 8.20 -4.58 -12.66
N GLU C 21 8.56 -5.15 -11.51
CA GLU C 21 7.55 -5.71 -10.62
C GLU C 21 6.60 -4.64 -10.10
N GLN C 22 7.12 -3.43 -9.87
CA GLN C 22 6.27 -2.33 -9.46
C GLN C 22 5.33 -1.91 -10.59
N GLU C 23 5.85 -1.83 -11.82
CA GLU C 23 5.00 -1.48 -12.95
C GLU C 23 3.86 -2.49 -13.13
N ARG C 24 4.13 -3.76 -12.84
CA ARG C 24 3.08 -4.77 -12.92
C ARG C 24 1.96 -4.45 -11.93
N LYS C 25 2.31 -4.21 -10.67
CA LYS C 25 1.30 -3.96 -9.64
C LYS C 25 0.48 -2.72 -9.97
N ALA C 26 1.11 -1.69 -10.52
CA ALA C 26 0.39 -0.48 -10.87
C ALA C 26 -0.69 -0.77 -11.92
N LYS C 27 -0.30 -1.47 -13.00
CA LYS C 27 -1.28 -1.83 -14.02
C LYS C 27 -2.35 -2.75 -13.45
N GLU C 28 -1.94 -3.76 -12.69
CA GLU C 28 -2.91 -4.69 -12.11
C GLU C 28 -3.97 -3.96 -11.31
N PHE C 29 -3.57 -2.92 -10.57
CA PHE C 29 -4.54 -2.19 -9.76
C PHE C 29 -5.52 -1.44 -10.66
N GLN C 30 -5.00 -0.73 -11.67
CA GLN C 30 -5.88 0.01 -12.57
C GLN C 30 -6.90 -0.90 -13.21
N GLU C 31 -6.49 -2.10 -13.62
CA GLU C 31 -7.43 -3.07 -14.18
C GLU C 31 -8.48 -3.45 -13.15
N LEU C 32 -8.05 -3.76 -11.92
CA LEU C 32 -8.99 -4.10 -10.87
C LEU C 32 -9.96 -2.96 -10.62
N LEU C 33 -9.44 -1.74 -10.45
CA LEU C 33 -10.31 -0.59 -10.21
C LEU C 33 -11.26 -0.38 -11.38
N LYS C 34 -10.75 -0.53 -12.61
CA LYS C 34 -11.61 -0.37 -13.78
C LYS C 34 -12.76 -1.36 -13.75
N GLU C 35 -12.48 -2.63 -13.41
CA GLU C 35 -13.52 -3.64 -13.35
C GLU C 35 -14.51 -3.33 -12.23
N LEU C 36 -14.01 -3.13 -11.01
CA LEU C 36 -14.89 -2.85 -9.89
C LEU C 36 -15.70 -1.59 -10.13
N SER C 37 -15.06 -0.53 -10.62
CA SER C 37 -15.77 0.71 -10.89
C SER C 37 -16.88 0.50 -11.91
N GLU C 38 -16.64 -0.33 -12.93
CA GLU C 38 -17.66 -0.60 -13.93
C GLU C 38 -18.73 -1.56 -13.41
N ARG C 39 -18.37 -2.40 -12.43
CA ARG C 39 -19.39 -3.20 -11.75
C ARG C 39 -20.29 -2.32 -10.89
N SER C 40 -19.72 -1.33 -10.21
CA SER C 40 -20.52 -0.42 -9.41
C SER C 40 -21.42 0.44 -10.28
N GLU C 41 -20.89 0.97 -11.38
CA GLU C 41 -21.74 1.73 -12.30
C GLU C 41 -22.85 0.87 -12.86
N GLU C 42 -22.57 -0.41 -13.11
CA GLU C 42 -23.61 -1.32 -13.57
C GLU C 42 -24.69 -1.49 -12.53
N LEU C 43 -24.31 -1.59 -11.25
CA LEU C 43 -25.29 -1.68 -10.18
C LEU C 43 -26.14 -0.41 -10.11
N ILE C 44 -25.49 0.76 -10.05
CA ILE C 44 -26.23 2.01 -9.95
C ILE C 44 -27.12 2.20 -11.17
N ARG C 45 -26.60 1.87 -12.36
CA ARG C 45 -27.40 1.98 -13.58
C ARG C 45 -28.64 1.10 -13.50
N GLU C 46 -28.49 -0.12 -12.99
CA GLU C 46 -29.64 -1.01 -12.86
C GLU C 46 -30.71 -0.40 -11.97
N LEU C 47 -30.32 0.20 -10.85
CA LEU C 47 -31.29 0.85 -9.98
C LEU C 47 -32.04 1.94 -10.72
N GLU C 48 -31.33 2.80 -11.45
CA GLU C 48 -31.98 3.88 -12.18
C GLU C 48 -32.97 3.33 -13.19
N GLU C 49 -32.62 2.23 -13.87
CA GLU C 49 -33.58 1.57 -14.74
C GLU C 49 -34.77 1.04 -13.94
N LYS C 50 -34.50 0.24 -12.92
CA LYS C 50 -35.57 -0.21 -12.03
C LYS C 50 -36.29 0.97 -11.39
N GLY C 51 -35.60 2.10 -11.23
CA GLY C 51 -36.14 3.16 -10.40
C GLY C 51 -36.30 2.76 -8.96
N ALA C 52 -35.63 1.69 -8.53
CA ALA C 52 -35.78 1.21 -7.16
C ALA C 52 -35.31 2.23 -6.15
N ALA C 53 -34.22 2.93 -6.45
CA ALA C 53 -33.63 3.88 -5.52
C ALA C 53 -34.23 5.27 -5.72
N SER C 54 -34.53 5.93 -4.62
CA SER C 54 -35.01 7.31 -4.66
C SER C 54 -34.02 8.18 -5.43
N GLU C 55 -34.55 9.16 -6.16
CA GLU C 55 -33.71 10.06 -6.94
C GLU C 55 -32.61 10.66 -6.07
N ALA C 56 -32.92 10.96 -4.81
CA ALA C 56 -31.91 11.42 -3.87
C ALA C 56 -30.98 10.28 -3.46
N GLU C 57 -31.54 9.07 -3.32
CA GLU C 57 -30.74 7.92 -2.92
C GLU C 57 -29.61 7.67 -3.90
N LEU C 58 -29.91 7.62 -5.19
CA LEU C 58 -28.89 7.37 -6.19
C LEU C 58 -27.88 8.52 -6.24
N ALA C 59 -28.36 9.76 -6.10
CA ALA C 59 -27.44 10.89 -6.06
C ALA C 59 -26.42 10.73 -4.95
N ARG C 60 -26.87 10.28 -3.77
CA ARG C 60 -25.94 9.96 -2.70
C ARG C 60 -25.09 8.75 -3.05
N MET C 61 -25.70 7.74 -3.67
CA MET C 61 -24.94 6.56 -4.07
C MET C 61 -23.91 6.90 -5.13
N LYS C 62 -24.32 7.64 -6.16
CA LYS C 62 -23.40 8.06 -7.21
C LYS C 62 -22.21 8.81 -6.62
N GLN C 63 -22.49 9.83 -5.80
CA GLN C 63 -21.42 10.65 -5.24
C GLN C 63 -20.47 9.82 -4.39
N GLN C 64 -20.97 8.77 -3.73
CA GLN C 64 -20.09 7.90 -2.95
C GLN C 64 -19.20 7.06 -3.87
N HIS C 65 -19.76 6.57 -4.98
CA HIS C 65 -18.97 5.82 -5.94
C HIS C 65 -17.85 6.68 -6.53
N MET C 66 -18.19 7.88 -6.99
CA MET C 66 -17.17 8.78 -7.52
C MET C 66 -16.16 9.14 -6.45
N THR C 67 -16.61 9.35 -5.22
CA THR C 67 -15.71 9.75 -4.15
C THR C 67 -14.71 8.65 -3.81
N ALA C 68 -15.21 7.41 -3.63
CA ALA C 68 -14.30 6.31 -3.33
C ALA C 68 -13.35 6.07 -4.50
N TYR C 69 -13.86 6.06 -5.73
CA TYR C 69 -13.00 5.94 -6.90
C TYR C 69 -11.91 7.00 -6.87
N LEU C 70 -12.30 8.26 -6.67
CA LEU C 70 -11.35 9.34 -6.52
C LEU C 70 -10.34 9.02 -5.41
N GLU C 71 -10.84 8.53 -4.27
CA GLU C 71 -9.96 8.18 -3.18
C GLU C 71 -9.03 7.03 -3.56
N ALA C 72 -9.57 6.03 -4.27
CA ALA C 72 -8.74 4.89 -4.67
C ALA C 72 -7.59 5.34 -5.55
N GLN C 73 -7.86 6.22 -6.52
CA GLN C 73 -6.80 6.70 -7.40
C GLN C 73 -5.73 7.45 -6.63
N LEU C 74 -6.14 8.34 -5.72
CA LEU C 74 -5.18 9.10 -4.93
C LEU C 74 -4.24 8.16 -4.15
N THR C 75 -4.81 7.11 -3.56
CA THR C 75 -3.98 6.16 -2.80
C THR C 75 -3.00 5.45 -3.72
N ALA C 76 -3.49 4.96 -4.86
CA ALA C 76 -2.59 4.32 -5.83
C ALA C 76 -1.55 5.31 -6.35
N TRP C 77 -1.98 6.56 -6.61
CA TRP C 77 -1.03 7.58 -7.02
C TRP C 77 0.05 7.79 -5.96
N GLU C 78 -0.35 7.81 -4.68
CA GLU C 78 0.61 8.01 -3.61
C GLU C 78 1.57 6.83 -3.50
N ILE C 79 1.08 5.60 -3.72
CA ILE C 79 1.92 4.42 -3.56
C ILE C 79 2.96 4.35 -4.68
N GLU C 80 2.49 4.36 -5.93
CA GLU C 80 3.41 4.25 -7.06
C GLU C 80 4.39 5.42 -7.10
N SER C 81 3.92 6.62 -6.77
CA SER C 81 4.83 7.77 -6.71
C SER C 81 5.91 7.54 -5.66
N LYS C 82 5.53 7.02 -4.49
CA LYS C 82 6.51 6.76 -3.45
C LYS C 82 7.46 5.65 -3.87
N SER C 83 6.94 4.59 -4.50
CA SER C 83 7.79 3.48 -4.93
C SER C 83 8.79 3.93 -5.99
N LYS C 84 8.29 4.56 -7.06
CA LYS C 84 9.17 4.97 -8.16
C LYS C 84 10.31 5.85 -7.66
N ILE C 85 10.00 6.78 -6.75
CA ILE C 85 11.02 7.68 -6.24
C ILE C 85 12.04 6.93 -5.39
N ALA C 86 11.57 6.01 -4.55
CA ALA C 86 12.49 5.23 -3.72
C ALA C 86 13.39 4.35 -4.56
N LEU C 87 12.83 3.68 -5.56
CA LEU C 87 13.65 2.88 -6.47
C LEU C 87 14.71 3.74 -7.15
N LEU C 88 14.34 4.97 -7.51
CA LEU C 88 15.29 5.86 -8.20
C LEU C 88 16.51 6.13 -7.34
N GLU C 89 16.30 6.36 -6.03
CA GLU C 89 17.44 6.56 -5.14
C GLU C 89 18.31 5.32 -5.08
N LEU C 90 17.69 4.13 -5.10
CA LEU C 90 18.47 2.90 -5.15
C LEU C 90 19.15 2.75 -6.51
N GLN C 91 18.57 3.32 -7.57
CA GLN C 91 19.24 3.36 -8.86
C GLN C 91 20.48 4.23 -8.79
N GLN C 92 20.41 5.34 -8.03
CA GLN C 92 21.56 6.21 -7.86
C GLN C 92 22.64 5.55 -7.03
N ASN C 93 22.25 4.91 -5.91
CA ASN C 93 23.22 4.20 -5.10
C ASN C 93 23.88 3.08 -5.90
N GLN C 94 23.10 2.35 -6.70
CA GLN C 94 23.66 1.32 -7.56
C GLN C 94 24.69 1.93 -8.52
N LEU C 95 24.33 3.03 -9.18
CA LEU C 95 25.27 3.68 -10.09
C LEU C 95 26.49 4.19 -9.34
N ASN C 96 26.29 4.76 -8.15
CA ASN C 96 27.41 5.23 -7.35
C ASN C 96 28.37 4.09 -7.02
N LEU C 97 27.83 2.90 -6.76
CA LEU C 97 28.69 1.76 -6.46
C LEU C 97 29.50 1.33 -7.67
N GLU C 98 28.90 1.38 -8.86
CA GLU C 98 29.57 0.93 -10.07
C GLU C 98 30.74 1.85 -10.43
N LEU C 99 30.46 3.13 -10.64
CA LEU C 99 31.51 4.07 -10.98
C LEU C 99 32.66 4.00 -9.99
N ARG C 100 32.35 4.03 -8.69
CA ARG C 100 33.38 3.94 -7.67
C ARG C 100 34.12 2.61 -7.71
N HIS C 101 33.53 1.58 -8.30
CA HIS C 101 34.15 0.26 -8.33
C HIS C 101 34.05 -0.39 -9.71
N ILE C 102 34.08 0.44 -10.74
CA ILE C 102 33.98 -0.05 -12.12
N SER D 3 32.45 6.62 -20.72
CA SER D 3 31.63 5.59 -20.04
C SER D 3 30.92 6.21 -18.83
N ALA D 4 31.66 6.96 -18.03
CA ALA D 4 31.06 7.65 -16.90
C ALA D 4 30.04 8.68 -17.37
N GLU D 5 30.33 9.35 -18.48
CA GLU D 5 29.39 10.34 -19.01
C GLU D 5 28.13 9.68 -19.56
N GLU D 6 28.29 8.55 -20.26
CA GLU D 6 27.14 7.85 -20.82
C GLU D 6 26.19 7.41 -19.71
N LEU D 7 26.73 6.77 -18.66
CA LEU D 7 25.88 6.33 -17.56
C LEU D 7 25.16 7.51 -16.91
N LEU D 8 25.90 8.59 -16.66
CA LEU D 8 25.29 9.74 -15.99
C LEU D 8 24.28 10.43 -16.90
N ARG D 9 24.59 10.57 -18.19
CA ARG D 9 23.62 11.11 -19.13
C ARG D 9 22.37 10.24 -19.18
N ARG D 10 22.57 8.92 -19.27
CA ARG D 10 21.43 8.00 -19.22
C ARG D 10 20.72 8.10 -17.88
N SER D 11 21.45 8.36 -16.80
CA SER D 11 20.83 8.50 -15.49
C SER D 11 19.98 9.77 -15.42
N ARG D 12 20.44 10.84 -16.06
CA ARG D 12 19.67 12.09 -16.07
C ARG D 12 18.43 11.97 -16.93
N GLU D 13 18.49 11.20 -18.02
CA GLU D 13 17.33 11.02 -18.88
C GLU D 13 16.21 10.30 -18.13
N TYR D 14 16.55 9.20 -17.45
CA TYR D 14 15.54 8.50 -16.65
C TYR D 14 14.99 9.40 -15.55
N LEU D 15 15.87 10.20 -14.92
CA LEU D 15 15.40 11.19 -13.95
C LEU D 15 14.40 12.14 -14.59
N LYS D 16 14.72 12.63 -15.80
CA LYS D 16 13.81 13.54 -16.49
C LYS D 16 12.48 12.88 -16.77
N LYS D 17 12.49 11.63 -17.23
CA LYS D 17 11.24 10.93 -17.51
C LYS D 17 10.38 10.82 -16.25
N VAL D 18 11.00 10.50 -15.11
CA VAL D 18 10.24 10.35 -13.88
C VAL D 18 9.60 11.67 -13.49
N LYS D 19 10.38 12.77 -13.54
CA LYS D 19 9.84 14.08 -13.24
C LYS D 19 8.69 14.42 -14.19
N GLU D 20 8.92 14.23 -15.49
CA GLU D 20 7.86 14.50 -16.47
C GLU D 20 6.63 13.63 -16.19
N GLU D 21 6.84 12.35 -15.88
CA GLU D 21 5.71 11.47 -15.59
C GLU D 21 4.92 11.97 -14.38
N GLN D 22 5.62 12.46 -13.36
CA GLN D 22 4.91 12.97 -12.18
C GLN D 22 4.07 14.18 -12.52
N GLU D 23 4.53 15.03 -13.44
CA GLU D 23 3.69 16.11 -13.94
C GLU D 23 2.49 15.56 -14.71
N ARG D 24 2.67 14.43 -15.39
CA ARG D 24 1.56 13.83 -16.14
C ARG D 24 0.44 13.44 -15.19
N LYS D 25 0.77 12.73 -14.10
CA LYS D 25 -0.26 12.27 -13.17
C LYS D 25 -0.95 13.44 -12.49
N ALA D 26 -0.19 14.48 -12.11
CA ALA D 26 -0.80 15.63 -11.46
C ALA D 26 -1.81 16.31 -12.38
N LYS D 27 -1.46 16.48 -13.65
CA LYS D 27 -2.41 17.06 -14.60
C LYS D 27 -3.62 16.16 -14.79
N GLU D 28 -3.38 14.85 -14.95
CA GLU D 28 -4.48 13.91 -15.15
C GLU D 28 -5.47 13.96 -13.97
N PHE D 29 -4.96 14.08 -12.75
CA PHE D 29 -5.84 14.09 -11.59
C PHE D 29 -6.75 15.32 -11.61
N GLN D 30 -6.17 16.50 -11.87
CA GLN D 30 -6.98 17.71 -11.91
C GLN D 30 -8.08 17.59 -12.95
N GLU D 31 -7.79 16.95 -14.09
CA GLU D 31 -8.83 16.70 -15.09
C GLU D 31 -9.88 15.75 -14.55
N LEU D 32 -9.45 14.68 -13.87
CA LEU D 32 -10.40 13.77 -13.24
C LEU D 32 -11.22 14.48 -12.18
N LEU D 33 -10.57 15.25 -11.31
CA LEU D 33 -11.27 15.93 -10.24
C LEU D 33 -12.31 16.89 -10.79
N LYS D 34 -11.95 17.67 -11.82
CA LYS D 34 -12.90 18.61 -12.41
C LYS D 34 -14.09 17.88 -13.01
N GLU D 35 -13.83 16.81 -13.77
CA GLU D 35 -14.91 16.06 -14.40
C GLU D 35 -15.86 15.51 -13.34
N LEU D 36 -15.35 14.69 -12.42
CA LEU D 36 -16.19 14.16 -11.37
C LEU D 36 -16.85 15.28 -10.57
N SER D 37 -16.12 16.38 -10.33
CA SER D 37 -16.69 17.51 -9.62
C SER D 37 -17.86 18.11 -10.40
N GLU D 38 -17.70 18.27 -11.72
CA GLU D 38 -18.77 18.84 -12.53
C GLU D 38 -19.96 17.89 -12.65
N ARG D 39 -19.71 16.58 -12.63
CA ARG D 39 -20.80 15.63 -12.56
C ARG D 39 -21.57 15.78 -11.25
N SER D 40 -20.83 15.86 -10.13
CA SER D 40 -21.47 15.92 -8.82
C SER D 40 -22.34 17.15 -8.68
N GLU D 41 -21.86 18.31 -9.13
CA GLU D 41 -22.68 19.52 -9.08
C GLU D 41 -23.85 19.46 -10.06
N GLU D 42 -23.74 18.64 -11.11
CA GLU D 42 -24.87 18.43 -12.00
C GLU D 42 -25.95 17.60 -11.33
N LEU D 43 -25.56 16.54 -10.61
CA LEU D 43 -26.54 15.76 -9.87
C LEU D 43 -27.24 16.62 -8.83
N ILE D 44 -26.48 17.42 -8.09
CA ILE D 44 -27.09 18.33 -7.11
C ILE D 44 -27.99 19.32 -7.81
N ARG D 45 -27.59 19.79 -9.00
CA ARG D 45 -28.45 20.69 -9.77
C ARG D 45 -29.81 20.06 -10.00
N GLU D 46 -29.83 18.84 -10.54
CA GLU D 46 -31.09 18.19 -10.87
C GLU D 46 -31.99 18.04 -9.64
N LEU D 47 -31.41 17.68 -8.49
CA LEU D 47 -32.20 17.49 -7.29
C LEU D 47 -32.98 18.75 -6.94
N GLU D 48 -32.27 19.85 -6.68
CA GLU D 48 -32.93 21.08 -6.27
C GLU D 48 -34.00 21.51 -7.26
N GLU D 49 -33.74 21.31 -8.56
CA GLU D 49 -34.71 21.69 -9.56
C GLU D 49 -35.98 20.86 -9.46
N LYS D 50 -35.86 19.60 -9.05
CA LYS D 50 -36.99 18.71 -8.89
C LYS D 50 -37.53 18.69 -7.47
N GLY D 51 -36.97 19.51 -6.57
CA GLY D 51 -37.36 19.44 -5.18
C GLY D 51 -37.21 18.07 -4.57
N ALA D 52 -36.35 17.23 -5.16
CA ALA D 52 -36.20 15.86 -4.67
C ALA D 52 -35.72 15.84 -3.23
N ALA D 53 -34.75 16.70 -2.90
CA ALA D 53 -34.17 16.76 -1.57
C ALA D 53 -34.69 17.98 -0.81
N SER D 54 -34.88 17.81 0.49
CA SER D 54 -35.27 18.92 1.33
C SER D 54 -34.16 19.97 1.37
N GLU D 55 -34.55 21.21 1.67
CA GLU D 55 -33.58 22.28 1.78
C GLU D 55 -32.46 21.91 2.74
N ALA D 56 -32.80 21.25 3.85
CA ALA D 56 -31.77 20.76 4.76
C ALA D 56 -30.94 19.66 4.11
N GLU D 57 -31.58 18.81 3.30
CA GLU D 57 -30.87 17.71 2.67
C GLU D 57 -29.83 18.23 1.67
N LEU D 58 -30.22 19.19 0.84
CA LEU D 58 -29.29 19.70 -0.17
C LEU D 58 -28.13 20.47 0.45
N ALA D 59 -28.37 21.12 1.59
CA ALA D 59 -27.28 21.82 2.29
C ALA D 59 -26.21 20.84 2.74
N ARG D 60 -26.63 19.74 3.37
CA ARG D 60 -25.68 18.70 3.79
C ARG D 60 -25.01 18.06 2.59
N MET D 61 -25.74 17.91 1.48
CA MET D 61 -25.16 17.31 0.29
C MET D 61 -24.13 18.24 -0.34
N LYS D 62 -24.50 19.51 -0.53
CA LYS D 62 -23.55 20.49 -1.08
C LYS D 62 -22.29 20.56 -0.25
N GLN D 63 -22.43 20.59 1.07
CA GLN D 63 -21.26 20.72 1.94
C GLN D 63 -20.42 19.44 1.92
N GLN D 64 -21.06 18.27 1.81
CA GLN D 64 -20.29 17.04 1.63
C GLN D 64 -19.48 17.07 0.34
N HIS D 65 -20.05 17.65 -0.72
CA HIS D 65 -19.35 17.72 -2.00
C HIS D 65 -18.17 18.69 -1.92
N MET D 66 -18.39 19.89 -1.39
CA MET D 66 -17.29 20.83 -1.20
C MET D 66 -16.25 20.26 -0.24
N THR D 67 -16.71 19.59 0.83
CA THR D 67 -15.77 19.00 1.78
C THR D 67 -14.94 17.91 1.13
N ALA D 68 -15.55 17.10 0.26
CA ALA D 68 -14.79 16.06 -0.41
C ALA D 68 -13.84 16.64 -1.45
N TYR D 69 -14.24 17.72 -2.13
CA TYR D 69 -13.37 18.37 -3.09
C TYR D 69 -12.15 18.96 -2.41
N LEU D 70 -12.36 19.65 -1.29
CA LEU D 70 -11.26 20.22 -0.53
C LEU D 70 -10.30 19.12 -0.08
N GLU D 71 -10.85 18.03 0.45
CA GLU D 71 -10.00 16.92 0.88
C GLU D 71 -9.20 16.36 -0.29
N ALA D 72 -9.81 16.28 -1.47
CA ALA D 72 -9.10 15.75 -2.63
C ALA D 72 -7.91 16.65 -3.00
N GLN D 73 -8.14 17.96 -3.03
CA GLN D 73 -7.07 18.88 -3.41
C GLN D 73 -5.92 18.82 -2.42
N LEU D 74 -6.23 18.93 -1.12
CA LEU D 74 -5.19 18.81 -0.09
C LEU D 74 -4.39 17.53 -0.26
N THR D 75 -5.07 16.42 -0.54
CA THR D 75 -4.39 15.15 -0.74
C THR D 75 -3.50 15.20 -1.97
N ALA D 76 -4.04 15.64 -3.11
CA ALA D 76 -3.22 15.75 -4.32
C ALA D 76 -2.10 16.76 -4.12
N TRP D 77 -2.36 17.84 -3.38
CA TRP D 77 -1.31 18.79 -3.05
C TRP D 77 -0.19 18.12 -2.27
N GLU D 78 -0.55 17.38 -1.22
CA GLU D 78 0.46 16.68 -0.42
C GLU D 78 1.27 15.72 -1.27
N ILE D 79 0.62 15.01 -2.20
CA ILE D 79 1.32 14.05 -3.03
C ILE D 79 2.31 14.77 -3.96
N GLU D 80 1.78 15.63 -4.83
CA GLU D 80 2.63 16.31 -5.80
C GLU D 80 3.73 17.11 -5.10
N SER D 81 3.41 17.73 -3.96
CA SER D 81 4.41 18.47 -3.22
C SER D 81 5.52 17.56 -2.73
N LYS D 82 5.16 16.43 -2.11
CA LYS D 82 6.16 15.49 -1.63
C LYS D 82 6.94 14.88 -2.79
N SER D 83 6.23 14.52 -3.87
CA SER D 83 6.89 13.91 -5.02
C SER D 83 7.96 14.84 -5.59
N LYS D 84 7.61 16.10 -5.83
CA LYS D 84 8.55 17.03 -6.44
C LYS D 84 9.78 17.23 -5.57
N ILE D 85 9.59 17.35 -4.25
CA ILE D 85 10.71 17.57 -3.35
C ILE D 85 11.61 16.34 -3.29
N ALA D 86 11.01 15.15 -3.29
CA ALA D 86 11.80 13.93 -3.23
C ALA D 86 12.70 13.80 -4.46
N LEU D 87 12.11 13.98 -5.65
CA LEU D 87 12.93 14.00 -6.87
C LEU D 87 13.94 15.13 -6.86
N LEU D 88 13.61 16.25 -6.22
CA LEU D 88 14.52 17.38 -6.17
C LEU D 88 15.81 17.01 -5.44
N GLU D 89 15.70 16.21 -4.38
CA GLU D 89 16.91 15.69 -3.73
C GLU D 89 17.65 14.72 -4.64
N LEU D 90 16.92 13.95 -5.45
CA LEU D 90 17.57 13.04 -6.40
C LEU D 90 18.22 13.80 -7.54
N GLN D 91 17.62 14.92 -7.96
CA GLN D 91 18.27 15.77 -8.95
C GLN D 91 19.58 16.32 -8.41
N GLN D 92 19.61 16.71 -7.13
CA GLN D 92 20.84 17.18 -6.52
C GLN D 92 21.86 16.05 -6.38
N ASN D 93 21.39 14.85 -6.03
CA ASN D 93 22.28 13.69 -6.01
C ASN D 93 22.90 13.46 -7.38
N GLN D 94 22.09 13.56 -8.44
CA GLN D 94 22.60 13.40 -9.79
C GLN D 94 23.62 14.49 -10.11
N LEU D 95 23.30 15.74 -9.82
CA LEU D 95 24.23 16.84 -10.10
C LEU D 95 25.54 16.66 -9.34
N ASN D 96 25.46 16.15 -8.10
CA ASN D 96 26.67 15.91 -7.33
C ASN D 96 27.53 14.83 -7.98
N LEU D 97 26.90 13.77 -8.50
CA LEU D 97 27.65 12.73 -9.19
C LEU D 97 28.36 13.27 -10.41
N GLU D 98 27.66 14.10 -11.20
CA GLU D 98 28.26 14.63 -12.43
C GLU D 98 29.52 15.43 -12.12
N LEU D 99 29.40 16.45 -11.24
CA LEU D 99 30.57 17.24 -10.89
C LEU D 99 31.69 16.36 -10.33
N ARG D 100 31.35 15.25 -9.69
CA ARG D 100 32.37 14.32 -9.21
C ARG D 100 33.27 13.85 -10.34
N HIS D 101 32.77 13.86 -11.58
CA HIS D 101 33.59 13.50 -12.74
C HIS D 101 33.97 14.76 -13.51
#